data_7Z77
#
_entry.id   7Z77
#
_cell.length_a   48.903
_cell.length_b   63.707
_cell.length_c   91.956
_cell.angle_alpha   90.000
_cell.angle_beta   101.320
_cell.angle_gamma   90.000
#
_symmetry.space_group_name_H-M   'P 1 21 1'
#
loop_
_entity.id
_entity.type
_entity.pdbx_description
1 polymer Elongin-B
2 polymer Elongin-C
3 polymer 'von Hippel-Lindau disease tumor suppressor'
4 polymer 'Probable global transcription activator SNF2L2'
5 non-polymer (2~{S},4~{R})-~{N}-[(1~{S})-4-[4-(4-bromanyl-7-cyclopentyl-5-oxidanylidene-benzimidazolo[1,2-a]quinazolin-9-yl)piperidin-1-yl]-1-[4-(4-methyl-1,3-thiazol-5-yl)phenyl]butyl]-1-[(2~{S})-2-[(1-fluoranylcyclopropyl)carbonylamino]-3,3-dimethyl-butanoyl]-4-oxidanyl-pyrrolidine-2-carboxamide
6 water water
#
loop_
_entity_poly.entity_id
_entity_poly.type
_entity_poly.pdbx_seq_one_letter_code
_entity_poly.pdbx_strand_id
1 'polypeptide(L)'
;MDVFLMIRRHKTTIFTDAKESSTVFELKRIVEGILKRPPDEQRLYKDDQLLDDGKTLGECGFTSQTARPQAPATVGLAFR
ADDTFEALCIEPFSSPPELPDVMK
;
A
2 'polypeptide(L)'
;MMYVKLISSDGHEFIVKREHALTSGTIKAMLSGPGQFAENETNEVNFREIPSHVLSKVCMYFTYKVRYTNSSTEIPEFPI
APEIALELLMAANFLDC
;
B
3 'polypeptide(L)'
;GSMEAGRPRPVLRSVNSREPSQVIFCNRSPRVVLPVWLNFDGEPQPYPTLPPGTGRRIHSYRGHLWLFRDAGTHDGLLVN
QTELFVPSLNVDGQPIFANITLPVYTLKERCLQVVRSLVKPENYRRLDIVRSLYEDLEDHPNVQKDLERLTQERIAHQRM
GD
;
C
4 'polypeptide(L)'
;SMAEKLSPNPPKLTKQMNAIIDTVINYKDSSGRQLSEVFIQLPSRKELPEYYELIRKPVDFKKIKERIRNHKYRSLGDLE
KDVMLLCHNAQTFNLEGSQIYEDSIVLQSVFKSARQKIAKEEE
;
D
#
# COMPACT_ATOMS: atom_id res chain seq x y z
N MET A 1 13.62 -1.60 -21.32
CA MET A 1 14.01 -2.17 -20.02
C MET A 1 14.22 -3.70 -20.19
N ASP A 2 14.19 -4.46 -19.08
CA ASP A 2 14.40 -5.90 -19.13
C ASP A 2 13.13 -6.66 -19.54
N VAL A 3 13.32 -7.82 -20.18
CA VAL A 3 12.25 -8.73 -20.56
C VAL A 3 12.52 -10.04 -19.79
N PHE A 4 11.45 -10.67 -19.26
CA PHE A 4 11.52 -11.89 -18.45
C PHE A 4 10.87 -12.99 -19.26
N LEU A 5 11.63 -14.07 -19.51
CA LEU A 5 11.21 -15.16 -20.39
C LEU A 5 11.30 -16.56 -19.79
N MET A 6 10.65 -17.49 -20.47
CA MET A 6 10.70 -18.91 -20.23
C MET A 6 11.09 -19.48 -21.58
N ILE A 7 12.30 -20.08 -21.69
CA ILE A 7 12.76 -20.68 -22.95
C ILE A 7 12.34 -22.13 -22.86
N ARG A 8 11.43 -22.59 -23.74
CA ARG A 8 10.86 -23.93 -23.61
C ARG A 8 11.11 -24.88 -24.81
N ARG A 9 11.53 -26.13 -24.51
CA ARG A 9 11.75 -27.20 -25.49
C ARG A 9 11.47 -28.52 -24.78
N HIS A 10 10.53 -29.33 -25.31
CA HIS A 10 10.15 -30.64 -24.73
C HIS A 10 9.71 -30.41 -23.28
N LYS A 11 10.41 -31.01 -22.26
CA LYS A 11 10.07 -30.85 -20.84
C LYS A 11 11.14 -30.02 -20.09
N THR A 12 11.86 -29.13 -20.81
CA THR A 12 12.89 -28.26 -20.24
C THR A 12 12.38 -26.82 -20.31
N THR A 13 12.46 -26.08 -19.19
CA THR A 13 12.05 -24.67 -19.15
C THR A 13 13.17 -23.89 -18.50
N ILE A 14 13.76 -22.93 -19.22
CA ILE A 14 14.81 -22.07 -18.67
C ILE A 14 14.20 -20.71 -18.34
N PHE A 15 14.33 -20.26 -17.08
CA PHE A 15 13.93 -18.92 -16.66
C PHE A 15 15.14 -18.00 -16.83
N THR A 16 15.03 -17.05 -17.73
CA THR A 16 16.10 -16.08 -17.95
C THR A 16 15.49 -14.72 -18.24
N ASP A 17 16.32 -13.71 -18.19
CA ASP A 17 15.94 -12.34 -18.51
C ASP A 17 16.94 -11.80 -19.53
N ALA A 18 16.53 -10.81 -20.31
CA ALA A 18 17.39 -10.16 -21.30
C ALA A 18 16.92 -8.71 -21.50
N LYS A 19 17.72 -7.89 -22.16
CA LYS A 19 17.33 -6.49 -22.42
C LYS A 19 16.38 -6.48 -23.63
N GLU A 20 15.40 -5.58 -23.63
CA GLU A 20 14.47 -5.43 -24.77
C GLU A 20 15.25 -5.11 -26.09
N SER A 21 16.40 -4.41 -25.96
CA SER A 21 17.27 -4.04 -27.08
C SER A 21 18.18 -5.20 -27.54
N SER A 22 18.43 -6.22 -26.67
CA SER A 22 19.26 -7.37 -27.03
C SER A 22 18.61 -8.21 -28.16
N THR A 23 19.44 -8.95 -28.90
CA THR A 23 19.01 -9.72 -30.07
C THR A 23 18.63 -11.18 -29.79
N VAL A 24 17.96 -11.78 -30.78
CA VAL A 24 17.56 -13.19 -30.79
C VAL A 24 18.82 -14.08 -30.73
N PHE A 25 19.91 -13.65 -31.39
CA PHE A 25 21.18 -14.38 -31.36
C PHE A 25 21.84 -14.32 -29.97
N GLU A 26 21.74 -13.17 -29.25
CA GLU A 26 22.29 -13.05 -27.89
C GLU A 26 21.55 -13.99 -26.94
N LEU A 27 20.26 -14.27 -27.23
CA LEU A 27 19.44 -15.19 -26.45
C LEU A 27 19.87 -16.65 -26.74
N LYS A 28 20.22 -16.97 -28.00
CA LYS A 28 20.74 -18.29 -28.36
C LYS A 28 22.10 -18.56 -27.69
N ARG A 29 22.89 -17.49 -27.42
CA ARG A 29 24.15 -17.58 -26.69
C ARG A 29 23.90 -17.89 -25.20
N ILE A 30 22.79 -17.41 -24.63
CA ILE A 30 22.41 -17.72 -23.25
C ILE A 30 22.03 -19.19 -23.19
N VAL A 31 21.28 -19.69 -24.22
CA VAL A 31 20.88 -21.11 -24.31
C VAL A 31 22.14 -21.98 -24.48
N GLU A 32 23.16 -21.49 -25.20
CA GLU A 32 24.43 -22.19 -25.37
C GLU A 32 25.18 -22.40 -24.05
N GLY A 33 25.18 -21.40 -23.19
CA GLY A 33 25.85 -21.50 -21.89
C GLY A 33 25.19 -22.51 -20.96
N ILE A 34 23.89 -22.76 -21.13
CA ILE A 34 23.10 -23.67 -20.29
C ILE A 34 22.97 -25.07 -20.91
N LEU A 35 22.46 -25.16 -22.17
CA LEU A 35 22.22 -26.45 -22.83
C LEU A 35 23.39 -26.96 -23.70
N LYS A 36 24.49 -26.17 -23.84
CA LYS A 36 25.69 -26.60 -24.55
C LYS A 36 25.43 -26.95 -26.05
N ARG A 37 24.56 -26.19 -26.72
CA ARG A 37 24.25 -26.34 -28.15
C ARG A 37 24.53 -24.96 -28.79
N PRO A 38 25.33 -24.85 -29.87
CA PRO A 38 25.62 -23.51 -30.42
C PRO A 38 24.43 -22.84 -31.11
N PRO A 39 24.43 -21.48 -31.25
CA PRO A 39 23.28 -20.80 -31.87
C PRO A 39 22.84 -21.34 -33.23
N ASP A 40 23.81 -21.77 -34.08
CA ASP A 40 23.49 -22.35 -35.40
C ASP A 40 22.68 -23.67 -35.27
N GLU A 41 22.77 -24.39 -34.13
CA GLU A 41 21.99 -25.60 -33.87
C GLU A 41 20.67 -25.27 -33.12
N GLN A 42 20.19 -23.99 -33.14
CA GLN A 42 18.96 -23.58 -32.45
C GLN A 42 18.03 -22.75 -33.32
N ARG A 43 16.73 -22.94 -33.12
CA ARG A 43 15.68 -22.15 -33.75
C ARG A 43 14.80 -21.61 -32.61
N LEU A 44 14.52 -20.30 -32.57
CA LEU A 44 13.70 -19.69 -31.51
C LEU A 44 12.37 -19.20 -32.10
N TYR A 45 11.25 -19.44 -31.37
CA TYR A 45 9.90 -19.08 -31.81
C TYR A 45 9.07 -18.31 -30.79
N LYS A 46 8.35 -17.25 -31.22
CA LYS A 46 7.35 -16.59 -30.37
C LYS A 46 6.08 -17.24 -30.88
N ASP A 47 5.49 -18.15 -30.08
CA ASP A 47 4.31 -18.94 -30.44
C ASP A 47 4.72 -19.91 -31.57
N ASP A 48 4.45 -19.58 -32.85
CA ASP A 48 4.84 -20.44 -33.96
C ASP A 48 5.53 -19.66 -35.11
N GLN A 49 5.96 -18.40 -34.87
CA GLN A 49 6.67 -17.61 -35.86
C GLN A 49 8.16 -17.70 -35.54
N LEU A 50 8.95 -18.26 -36.46
CA LEU A 50 10.41 -18.37 -36.31
C LEU A 50 11.00 -16.96 -36.19
N LEU A 51 12.05 -16.80 -35.34
CA LEU A 51 12.66 -15.50 -35.07
C LEU A 51 14.04 -15.34 -35.72
N ASP A 52 14.32 -14.14 -36.29
CA ASP A 52 15.59 -13.86 -36.98
C ASP A 52 16.65 -13.37 -36.00
N ASP A 53 17.87 -13.93 -36.10
CA ASP A 53 19.05 -13.61 -35.30
C ASP A 53 19.32 -12.11 -35.05
N GLY A 54 19.18 -11.28 -36.08
CA GLY A 54 19.44 -9.84 -35.99
C GLY A 54 18.32 -9.00 -35.43
N LYS A 55 17.11 -9.58 -35.28
CA LYS A 55 15.94 -8.90 -34.73
C LYS A 55 16.12 -8.79 -33.21
N THR A 56 15.76 -7.63 -32.63
CA THR A 56 15.84 -7.43 -31.19
C THR A 56 14.64 -8.11 -30.53
N LEU A 57 14.68 -8.31 -29.21
CA LEU A 57 13.56 -8.92 -28.48
C LEU A 57 12.36 -8.00 -28.51
N GLY A 58 12.61 -6.69 -28.44
CA GLY A 58 11.58 -5.65 -28.58
C GLY A 58 10.91 -5.74 -29.93
N GLU A 59 11.72 -5.85 -31.02
CA GLU A 59 11.21 -6.02 -32.40
C GLU A 59 10.42 -7.34 -32.57
N CYS A 60 10.71 -8.38 -31.74
CA CYS A 60 9.98 -9.65 -31.79
C CYS A 60 8.63 -9.58 -31.11
N GLY A 61 8.40 -8.57 -30.27
CA GLY A 61 7.14 -8.40 -29.55
C GLY A 61 7.25 -8.67 -28.06
N PHE A 62 8.47 -8.89 -27.54
CA PHE A 62 8.70 -9.13 -26.12
C PHE A 62 9.03 -7.79 -25.50
N THR A 63 8.11 -7.25 -24.66
CA THR A 63 8.31 -5.97 -23.98
C THR A 63 8.12 -6.13 -22.50
N SER A 64 8.51 -5.12 -21.73
CA SER A 64 8.40 -5.10 -20.27
C SER A 64 6.96 -5.26 -19.73
N GLN A 65 5.94 -4.90 -20.54
CA GLN A 65 4.53 -5.01 -20.16
C GLN A 65 4.00 -6.41 -20.46
N THR A 66 4.55 -7.10 -21.48
CA THR A 66 4.15 -8.47 -21.85
C THR A 66 5.12 -9.56 -21.36
N ALA A 67 6.35 -9.20 -20.89
CA ALA A 67 7.38 -10.15 -20.42
C ALA A 67 7.85 -9.75 -19.00
N ARG A 68 6.99 -9.96 -18.01
CA ARG A 68 7.20 -9.54 -16.62
C ARG A 68 7.78 -10.63 -15.72
N PRO A 69 8.53 -10.29 -14.64
CA PRO A 69 9.08 -11.34 -13.74
C PRO A 69 8.05 -12.38 -13.25
N GLN A 70 6.89 -11.88 -12.77
CA GLN A 70 5.77 -12.70 -12.27
C GLN A 70 4.89 -13.38 -13.38
N ALA A 71 5.14 -13.06 -14.67
CA ALA A 71 4.37 -13.56 -15.82
C ALA A 71 5.27 -13.47 -17.05
N PRO A 72 6.33 -14.30 -17.10
CA PRO A 72 7.28 -14.22 -18.23
C PRO A 72 6.67 -14.69 -19.56
N ALA A 73 7.21 -14.19 -20.65
CA ALA A 73 6.74 -14.59 -21.97
C ALA A 73 7.46 -15.88 -22.40
N THR A 74 6.75 -16.80 -23.07
CA THR A 74 7.36 -18.06 -23.53
C THR A 74 8.09 -17.91 -24.87
N VAL A 75 9.28 -18.53 -25.00
CA VAL A 75 10.08 -18.57 -26.22
C VAL A 75 10.27 -20.05 -26.55
N GLY A 76 9.76 -20.47 -27.70
CA GLY A 76 9.90 -21.86 -28.16
C GLY A 76 11.31 -22.10 -28.69
N LEU A 77 11.90 -23.24 -28.36
CA LEU A 77 13.25 -23.61 -28.79
C LEU A 77 13.20 -24.99 -29.46
N ALA A 78 13.85 -25.12 -30.61
CA ALA A 78 13.99 -26.39 -31.34
C ALA A 78 15.46 -26.54 -31.69
N PHE A 79 15.96 -27.77 -31.69
CA PHE A 79 17.37 -28.05 -31.99
C PHE A 79 17.53 -28.75 -33.35
N ARG A 80 18.79 -28.78 -33.84
CA ARG A 80 19.16 -29.42 -35.11
C ARG A 80 19.69 -30.83 -34.89
N ALA A 81 18.95 -31.85 -35.36
CA ALA A 81 19.38 -33.25 -35.29
C ALA A 81 20.15 -33.53 -36.60
N ASP A 82 21.47 -33.82 -36.49
CA ASP A 82 22.37 -34.05 -37.63
C ASP A 82 22.44 -32.78 -38.50
N ASP A 83 21.63 -32.67 -39.57
CA ASP A 83 21.58 -31.49 -40.43
C ASP A 83 20.15 -30.92 -40.56
N THR A 84 19.10 -31.65 -40.12
CA THR A 84 17.71 -31.20 -40.19
C THR A 84 17.23 -30.68 -38.82
N PHE A 85 16.35 -29.67 -38.84
CA PHE A 85 15.78 -29.10 -37.61
C PHE A 85 14.54 -29.88 -37.21
N GLU A 86 14.41 -30.18 -35.90
CA GLU A 86 13.25 -30.90 -35.40
C GLU A 86 12.05 -29.95 -35.39
N ALA A 87 10.84 -30.51 -35.40
CA ALA A 87 9.62 -29.70 -35.34
C ALA A 87 9.48 -29.18 -33.92
N LEU A 88 9.04 -27.92 -33.76
CA LEU A 88 8.86 -27.28 -32.45
C LEU A 88 7.92 -28.12 -31.57
N CYS A 89 8.40 -28.52 -30.38
CA CYS A 89 7.63 -29.31 -29.42
C CYS A 89 7.81 -28.75 -28.02
N ILE A 90 6.74 -28.31 -27.40
CA ILE A 90 6.78 -27.85 -26.02
C ILE A 90 5.75 -28.69 -25.29
N GLU A 91 6.19 -29.52 -24.36
CA GLU A 91 5.27 -30.32 -23.55
C GLU A 91 4.54 -29.38 -22.59
N PRO A 92 3.19 -29.46 -22.47
CA PRO A 92 2.50 -28.58 -21.52
C PRO A 92 2.77 -29.00 -20.08
N PHE A 93 2.48 -28.10 -19.14
CA PHE A 93 2.60 -28.38 -17.72
C PHE A 93 1.35 -29.15 -17.34
N SER A 94 1.30 -29.64 -16.11
CA SER A 94 0.13 -30.37 -15.61
C SER A 94 -1.05 -29.42 -15.43
N SER A 95 -2.24 -29.97 -15.25
CA SER A 95 -3.44 -29.17 -15.06
C SER A 95 -3.77 -29.09 -13.56
N PRO A 96 -4.28 -27.96 -13.06
CA PRO A 96 -4.66 -27.92 -11.65
C PRO A 96 -5.94 -28.71 -11.40
N PRO A 97 -6.20 -29.16 -10.17
CA PRO A 97 -7.46 -29.89 -9.94
C PRO A 97 -8.68 -28.98 -10.04
N GLU A 98 -9.87 -29.57 -9.90
CA GLU A 98 -11.12 -28.83 -9.96
C GLU A 98 -11.20 -27.96 -8.72
N LEU A 99 -11.72 -26.72 -8.87
CA LEU A 99 -11.82 -25.78 -7.74
C LEU A 99 -12.71 -26.35 -6.63
N PRO A 100 -12.28 -26.40 -5.34
CA PRO A 100 -13.18 -26.92 -4.28
C PRO A 100 -14.46 -26.09 -4.06
N ASP A 101 -15.53 -26.72 -3.49
CA ASP A 101 -16.83 -26.07 -3.20
C ASP A 101 -16.68 -24.78 -2.38
N VAL A 102 -15.86 -24.84 -1.33
CA VAL A 102 -15.63 -23.70 -0.43
C VAL A 102 -14.87 -22.52 -1.11
N MET A 103 -14.11 -22.80 -2.19
CA MET A 103 -13.39 -21.75 -2.94
C MET A 103 -14.30 -21.10 -4.00
N LYS A 104 -15.30 -21.83 -4.53
CA LYS A 104 -16.25 -21.29 -5.53
C LYS A 104 -17.27 -20.35 -4.90
N MET B 1 25.52 -15.97 -13.07
CA MET B 1 25.55 -16.91 -14.18
C MET B 1 25.49 -18.39 -13.75
N MET B 2 25.40 -18.68 -12.45
CA MET B 2 25.25 -20.05 -11.97
C MET B 2 23.77 -20.40 -12.00
N TYR B 3 23.42 -21.58 -12.52
CA TYR B 3 22.05 -22.07 -12.61
C TYR B 3 21.89 -23.38 -11.85
N VAL B 4 20.65 -23.69 -11.43
CA VAL B 4 20.28 -24.93 -10.75
C VAL B 4 19.14 -25.54 -11.49
N LYS B 5 18.91 -26.85 -11.32
CA LYS B 5 17.82 -27.54 -11.99
C LYS B 5 16.85 -28.05 -10.96
N LEU B 6 15.58 -27.64 -11.06
CA LEU B 6 14.48 -28.06 -10.18
C LEU B 6 13.56 -28.97 -11.01
N ILE B 7 13.33 -30.23 -10.58
CA ILE B 7 12.52 -31.21 -11.32
C ILE B 7 11.16 -31.35 -10.63
N SER B 8 10.07 -31.28 -11.41
CA SER B 8 8.72 -31.42 -10.87
C SER B 8 8.38 -32.92 -10.74
N SER B 9 7.22 -33.23 -10.12
CA SER B 9 6.76 -34.60 -9.92
C SER B 9 6.55 -35.32 -11.27
N ASP B 10 6.06 -34.58 -12.29
CA ASP B 10 5.82 -35.11 -13.65
C ASP B 10 7.04 -35.05 -14.59
N GLY B 11 8.24 -34.80 -14.06
CA GLY B 11 9.47 -34.79 -14.85
C GLY B 11 9.81 -33.51 -15.60
N HIS B 12 9.12 -32.38 -15.34
CA HIS B 12 9.53 -31.13 -16.01
C HIS B 12 10.79 -30.61 -15.32
N GLU B 13 11.73 -30.11 -16.11
CA GLU B 13 12.98 -29.54 -15.63
C GLU B 13 12.92 -28.02 -15.74
N PHE B 14 13.10 -27.32 -14.62
CA PHE B 14 13.10 -25.87 -14.56
C PHE B 14 14.53 -25.43 -14.27
N ILE B 15 15.19 -24.69 -15.19
CA ILE B 15 16.57 -24.22 -15.01
C ILE B 15 16.51 -22.75 -14.59
N VAL B 16 16.95 -22.45 -13.37
CA VAL B 16 16.84 -21.10 -12.81
C VAL B 16 18.15 -20.68 -12.21
N LYS B 17 18.41 -19.38 -12.12
CA LYS B 17 19.63 -18.87 -11.51
C LYS B 17 19.70 -19.37 -10.07
N ARG B 18 20.89 -19.82 -9.64
CA ARG B 18 21.12 -20.33 -8.29
C ARG B 18 20.71 -19.26 -7.25
N GLU B 19 21.01 -17.98 -7.50
CA GLU B 19 20.60 -16.88 -6.62
C GLU B 19 19.06 -16.86 -6.42
N HIS B 20 18.30 -17.02 -7.52
CA HIS B 20 16.83 -16.98 -7.49
C HIS B 20 16.29 -18.17 -6.69
N ALA B 21 16.80 -19.37 -6.94
CA ALA B 21 16.38 -20.58 -6.22
C ALA B 21 16.70 -20.52 -4.72
N LEU B 22 17.76 -19.75 -4.31
CA LEU B 22 18.12 -19.60 -2.88
C LEU B 22 17.09 -18.79 -2.09
N THR B 23 16.13 -18.14 -2.77
CA THR B 23 14.96 -17.47 -2.15
C THR B 23 14.23 -18.45 -1.21
N SER B 24 14.16 -19.74 -1.61
CA SER B 24 13.58 -20.83 -0.82
C SER B 24 14.61 -21.34 0.20
N GLY B 25 14.27 -21.25 1.48
CA GLY B 25 15.14 -21.72 2.57
C GLY B 25 15.35 -23.22 2.51
N THR B 26 14.32 -23.98 2.06
CA THR B 26 14.38 -25.44 1.91
C THR B 26 15.37 -25.81 0.81
N ILE B 27 15.29 -25.14 -0.38
CA ILE B 27 16.22 -25.36 -1.50
C ILE B 27 17.64 -24.98 -1.06
N LYS B 28 17.78 -23.81 -0.41
CA LYS B 28 19.06 -23.34 0.11
C LYS B 28 19.65 -24.42 1.04
N ALA B 29 18.84 -25.05 1.90
CA ALA B 29 19.33 -26.12 2.78
C ALA B 29 19.80 -27.35 1.96
N MET B 30 18.99 -27.78 0.97
CA MET B 30 19.28 -28.92 0.10
C MET B 30 20.51 -28.73 -0.80
N LEU B 31 20.95 -27.48 -1.00
CA LEU B 31 22.14 -27.16 -1.80
C LEU B 31 23.24 -26.78 -0.83
N THR B 42 26.31 -28.84 -5.06
CA THR B 42 25.13 -29.45 -5.69
C THR B 42 24.38 -28.40 -6.52
N ASN B 43 23.75 -28.80 -7.63
CA ASN B 43 22.95 -27.90 -8.49
C ASN B 43 21.68 -28.58 -9.06
N GLU B 44 21.15 -29.59 -8.36
CA GLU B 44 19.95 -30.29 -8.79
C GLU B 44 19.14 -30.79 -7.60
N VAL B 45 17.81 -30.55 -7.62
CA VAL B 45 16.87 -31.04 -6.61
C VAL B 45 15.63 -31.52 -7.36
N ASN B 46 15.10 -32.68 -6.94
CA ASN B 46 13.92 -33.29 -7.52
C ASN B 46 12.80 -33.12 -6.52
N PHE B 47 11.60 -32.69 -6.97
CA PHE B 47 10.44 -32.50 -6.10
C PHE B 47 9.43 -33.56 -6.45
N ARG B 48 9.28 -34.56 -5.57
CA ARG B 48 8.40 -35.70 -5.81
C ARG B 48 6.93 -35.33 -5.70
N GLU B 49 6.59 -34.32 -4.88
CA GLU B 49 5.20 -33.90 -4.68
C GLU B 49 4.83 -32.51 -5.24
N ILE B 50 5.73 -31.82 -5.99
CA ILE B 50 5.36 -30.54 -6.59
C ILE B 50 5.17 -30.73 -8.11
N PRO B 51 3.93 -30.60 -8.61
CA PRO B 51 3.73 -30.71 -10.07
C PRO B 51 4.21 -29.47 -10.83
N SER B 52 4.48 -29.62 -12.14
CA SER B 52 5.02 -28.58 -13.02
C SER B 52 4.26 -27.26 -13.03
N HIS B 53 2.91 -27.31 -12.96
CA HIS B 53 2.09 -26.09 -12.97
C HIS B 53 2.31 -25.26 -11.69
N VAL B 54 2.63 -25.92 -10.57
CA VAL B 54 2.95 -25.24 -9.30
C VAL B 54 4.44 -24.83 -9.32
N LEU B 55 5.36 -25.74 -9.70
CA LEU B 55 6.80 -25.45 -9.72
C LEU B 55 7.17 -24.29 -10.66
N SER B 56 6.49 -24.16 -11.83
CA SER B 56 6.73 -23.04 -12.75
C SER B 56 6.32 -21.74 -12.06
N LYS B 57 5.19 -21.73 -11.35
CA LYS B 57 4.67 -20.56 -10.61
C LYS B 57 5.62 -20.13 -9.48
N VAL B 58 6.20 -21.13 -8.76
CA VAL B 58 7.20 -20.91 -7.71
C VAL B 58 8.43 -20.23 -8.33
N CYS B 59 8.91 -20.72 -9.48
CA CYS B 59 10.04 -20.11 -10.22
C CYS B 59 9.73 -18.64 -10.66
N MET B 60 8.46 -18.34 -10.98
CA MET B 60 8.04 -16.99 -11.34
C MET B 60 8.18 -16.10 -10.11
N TYR B 61 7.80 -16.67 -8.93
CA TYR B 61 7.94 -15.93 -7.67
C TYR B 61 9.42 -15.62 -7.37
N PHE B 62 10.35 -16.56 -7.60
CA PHE B 62 11.77 -16.32 -7.33
C PHE B 62 12.29 -15.13 -8.13
N THR B 63 11.91 -15.07 -9.41
CA THR B 63 12.26 -13.97 -10.29
C THR B 63 11.69 -12.62 -9.80
N TYR B 64 10.38 -12.64 -9.45
CA TYR B 64 9.64 -11.51 -8.93
C TYR B 64 10.29 -10.98 -7.64
N LYS B 65 10.51 -11.86 -6.64
CA LYS B 65 11.16 -11.48 -5.37
C LYS B 65 12.53 -10.83 -5.63
N VAL B 66 13.42 -11.50 -6.38
CA VAL B 66 14.76 -10.97 -6.62
C VAL B 66 14.72 -9.63 -7.38
N ARG B 67 13.87 -9.51 -8.40
CA ARG B 67 13.79 -8.29 -9.21
C ARG B 67 13.26 -7.09 -8.42
N TYR B 68 12.30 -7.32 -7.53
CA TYR B 68 11.65 -6.24 -6.80
C TYR B 68 12.07 -6.08 -5.33
N THR B 69 12.77 -7.06 -4.70
CA THR B 69 13.24 -6.90 -3.30
C THR B 69 14.30 -5.79 -3.27
N ASN B 70 14.07 -4.76 -2.41
CA ASN B 70 14.95 -3.59 -2.26
C ASN B 70 15.19 -2.84 -3.60
N SER B 71 14.07 -2.39 -4.21
CA SER B 71 14.05 -1.60 -5.45
C SER B 71 12.86 -0.60 -5.38
N SER B 72 12.97 0.57 -6.05
CA SER B 72 11.92 1.62 -6.06
C SER B 72 11.11 1.66 -7.39
N THR B 73 11.47 0.77 -8.36
CA THR B 73 10.77 0.68 -9.65
C THR B 73 9.44 -0.05 -9.37
N GLU B 74 8.41 0.72 -8.91
CA GLU B 74 7.06 0.30 -8.46
C GLU B 74 6.79 -1.20 -8.42
N ILE B 75 6.39 -1.70 -7.25
CA ILE B 75 6.13 -3.12 -7.03
C ILE B 75 4.74 -3.53 -7.51
N PRO B 76 4.64 -4.46 -8.48
CA PRO B 76 3.33 -4.93 -8.91
C PRO B 76 2.84 -6.06 -8.02
N GLU B 77 1.56 -6.38 -8.13
CA GLU B 77 0.97 -7.50 -7.38
C GLU B 77 1.48 -8.81 -7.97
N PHE B 78 1.72 -9.84 -7.11
CA PHE B 78 2.09 -11.17 -7.59
C PHE B 78 0.74 -11.88 -7.82
N PRO B 79 0.36 -12.19 -9.08
CA PRO B 79 -0.97 -12.78 -9.32
C PRO B 79 -1.00 -14.28 -9.04
N ILE B 80 -2.12 -14.78 -8.49
CA ILE B 80 -2.32 -16.21 -8.22
C ILE B 80 -3.77 -16.54 -8.66
N ALA B 81 -3.94 -17.34 -9.72
CA ALA B 81 -5.26 -17.74 -10.20
C ALA B 81 -5.93 -18.59 -9.13
N PRO B 82 -7.25 -18.43 -8.88
CA PRO B 82 -7.91 -19.26 -7.84
C PRO B 82 -7.65 -20.77 -7.90
N GLU B 83 -7.62 -21.36 -9.12
CA GLU B 83 -7.42 -22.81 -9.31
C GLU B 83 -6.06 -23.36 -8.87
N ILE B 84 -5.00 -22.52 -8.80
CA ILE B 84 -3.66 -22.96 -8.35
C ILE B 84 -3.37 -22.61 -6.89
N ALA B 85 -4.12 -21.67 -6.27
CA ALA B 85 -3.88 -21.10 -4.93
C ALA B 85 -3.58 -22.12 -3.84
N LEU B 86 -4.41 -23.14 -3.71
CA LEU B 86 -4.24 -24.14 -2.65
C LEU B 86 -2.92 -24.92 -2.78
N GLU B 87 -2.61 -25.46 -3.98
CA GLU B 87 -1.36 -26.20 -4.17
C GLU B 87 -0.14 -25.29 -4.05
N LEU B 88 -0.28 -24.01 -4.44
CA LEU B 88 0.81 -23.05 -4.36
C LEU B 88 1.06 -22.72 -2.90
N LEU B 89 -0.01 -22.62 -2.09
CA LEU B 89 0.13 -22.40 -0.64
C LEU B 89 0.86 -23.56 0.01
N MET B 90 0.51 -24.81 -0.36
CA MET B 90 1.19 -26.01 0.15
C MET B 90 2.70 -25.99 -0.24
N ALA B 91 3.00 -25.65 -1.51
CA ALA B 91 4.38 -25.54 -2.01
C ALA B 91 5.18 -24.44 -1.28
N ALA B 92 4.60 -23.24 -1.11
CA ALA B 92 5.23 -22.12 -0.40
C ALA B 92 5.63 -22.49 1.04
N ASN B 93 4.73 -23.19 1.75
CA ASN B 93 4.92 -23.68 3.12
C ASN B 93 6.05 -24.72 3.17
N PHE B 94 6.09 -25.65 2.23
CA PHE B 94 7.14 -26.65 2.18
C PHE B 94 8.46 -26.01 1.75
N LEU B 95 8.46 -25.10 0.76
CA LEU B 95 9.69 -24.46 0.29
C LEU B 95 10.24 -23.34 1.17
N ASP B 96 9.47 -22.84 2.15
CA ASP B 96 9.94 -21.76 3.03
C ASP B 96 10.37 -20.48 2.24
N CYS B 97 9.44 -19.93 1.44
CA CYS B 97 9.65 -18.65 0.71
C CYS B 97 8.36 -17.83 0.70
N ARG C 9 2.14 6.37 27.75
CA ARG C 9 2.52 5.07 28.27
C ARG C 9 2.91 4.08 27.16
N PRO C 10 2.16 3.99 26.03
CA PRO C 10 2.66 3.13 24.92
C PRO C 10 3.74 3.89 24.15
N VAL C 11 4.86 3.24 23.78
CA VAL C 11 5.99 3.88 23.08
C VAL C 11 5.59 4.40 21.68
N LEU C 12 4.80 3.62 20.91
CA LEU C 12 4.35 4.02 19.57
C LEU C 12 3.09 4.90 19.70
N ARG C 13 3.31 6.22 19.72
CA ARG C 13 2.23 7.20 19.84
C ARG C 13 2.61 8.50 19.12
N SER C 14 1.62 9.33 18.82
CA SER C 14 1.90 10.64 18.20
C SER C 14 2.39 11.63 19.27
N VAL C 15 3.27 12.53 18.86
CA VAL C 15 3.78 13.61 19.69
C VAL C 15 2.68 14.68 19.72
N ASN C 16 2.31 15.20 20.89
CA ASN C 16 1.32 16.28 20.96
C ASN C 16 1.99 17.61 20.60
N SER C 17 2.17 17.85 19.31
CA SER C 17 2.73 19.09 18.81
C SER C 17 1.58 19.93 18.24
N ARG C 18 1.85 21.22 18.02
CA ARG C 18 0.85 22.13 17.44
C ARG C 18 1.35 22.75 16.12
N GLU C 19 2.55 22.36 15.61
CA GLU C 19 3.08 22.87 14.34
C GLU C 19 2.42 22.08 13.20
N PRO C 20 1.60 22.69 12.30
CA PRO C 20 0.96 21.89 11.24
C PRO C 20 1.94 21.31 10.23
N SER C 21 1.52 20.27 9.53
CA SER C 21 2.36 19.59 8.55
C SER C 21 1.52 19.12 7.37
N GLN C 22 1.76 19.73 6.21
CA GLN C 22 1.06 19.39 4.97
C GLN C 22 1.82 18.24 4.34
N VAL C 23 1.19 17.07 4.21
CA VAL C 23 1.82 15.88 3.63
C VAL C 23 0.97 15.43 2.44
N ILE C 24 1.63 14.84 1.45
CA ILE C 24 0.96 14.24 0.31
C ILE C 24 1.04 12.74 0.53
N PHE C 25 -0.13 12.10 0.71
CA PHE C 25 -0.26 10.66 0.85
C PHE C 25 -0.41 10.22 -0.58
N CYS C 26 0.60 9.55 -1.13
CA CYS C 26 0.56 9.09 -2.50
C CYS C 26 0.47 7.57 -2.56
N ASN C 27 -0.70 7.05 -2.95
CA ASN C 27 -0.92 5.61 -3.03
C ASN C 27 -0.37 5.03 -4.36
N ARG C 28 0.86 4.51 -4.32
CA ARG C 28 1.48 3.89 -5.49
C ARG C 28 1.37 2.37 -5.39
N SER C 29 0.25 1.87 -4.88
CA SER C 29 0.03 0.44 -4.73
C SER C 29 -1.24 0.09 -5.49
N PRO C 30 -1.46 -1.20 -5.83
CA PRO C 30 -2.73 -1.56 -6.51
C PRO C 30 -3.92 -1.71 -5.53
N ARG C 31 -3.70 -1.51 -4.22
CA ARG C 31 -4.69 -1.69 -3.15
C ARG C 31 -5.41 -0.39 -2.85
N VAL C 32 -6.60 -0.51 -2.23
CA VAL C 32 -7.34 0.63 -1.70
C VAL C 32 -6.70 0.77 -0.31
N VAL C 33 -6.08 1.93 -0.03
CA VAL C 33 -5.32 2.14 1.18
C VAL C 33 -6.08 2.82 2.29
N LEU C 34 -6.01 2.24 3.49
CA LEU C 34 -6.57 2.79 4.72
C LEU C 34 -5.43 3.46 5.49
N PRO C 35 -5.38 4.80 5.60
CA PRO C 35 -4.35 5.44 6.41
C PRO C 35 -4.76 5.29 7.87
N VAL C 36 -3.81 5.06 8.76
CA VAL C 36 -4.11 4.84 10.18
C VAL C 36 -3.24 5.77 11.01
N TRP C 37 -3.86 6.66 11.78
CA TRP C 37 -3.11 7.57 12.65
C TRP C 37 -3.11 7.00 14.06
N LEU C 38 -1.94 6.95 14.72
CA LEU C 38 -1.84 6.50 16.11
C LEU C 38 -2.08 7.74 16.96
N ASN C 39 -3.12 7.77 17.79
CA ASN C 39 -3.42 8.96 18.59
C ASN C 39 -2.39 9.14 19.76
N PHE C 40 -2.66 10.07 20.68
CA PHE C 40 -1.71 10.41 21.76
C PHE C 40 -1.53 9.27 22.76
N ASP C 41 -2.52 8.36 22.85
CA ASP C 41 -2.48 7.15 23.67
C ASP C 41 -2.06 5.89 22.80
N GLY C 42 -1.48 6.13 21.61
CA GLY C 42 -1.07 5.08 20.68
C GLY C 42 -2.19 4.24 20.09
N GLU C 43 -3.47 4.69 20.22
CA GLU C 43 -4.60 3.92 19.71
C GLU C 43 -4.77 4.19 18.19
N PRO C 44 -4.92 3.14 17.35
CA PRO C 44 -5.07 3.37 15.90
C PRO C 44 -6.43 3.95 15.51
N GLN C 45 -6.43 5.07 14.78
CA GLN C 45 -7.63 5.76 14.31
C GLN C 45 -7.68 5.65 12.81
N PRO C 46 -8.76 5.08 12.22
CA PRO C 46 -8.83 4.95 10.76
C PRO C 46 -9.19 6.27 10.08
N TYR C 47 -8.57 6.56 8.93
CA TYR C 47 -8.83 7.80 8.19
C TYR C 47 -9.44 7.46 6.81
N PRO C 48 -9.97 8.46 6.05
CA PRO C 48 -10.54 8.14 4.72
C PRO C 48 -9.56 7.39 3.80
N THR C 49 -10.08 6.43 3.01
CA THR C 49 -9.24 5.60 2.16
C THR C 49 -8.69 6.35 0.93
N LEU C 50 -7.66 5.76 0.30
CA LEU C 50 -6.97 6.32 -0.85
C LEU C 50 -7.09 5.35 -2.03
N PRO C 51 -7.68 5.74 -3.18
CA PRO C 51 -7.76 4.80 -4.31
C PRO C 51 -6.38 4.46 -4.88
N PRO C 52 -6.22 3.30 -5.55
CA PRO C 52 -4.92 2.96 -6.15
C PRO C 52 -4.42 4.04 -7.12
N GLY C 53 -3.12 4.34 -7.07
CA GLY C 53 -2.48 5.28 -7.98
C GLY C 53 -2.85 6.74 -7.91
N THR C 54 -3.21 7.24 -6.72
CA THR C 54 -3.61 8.64 -6.52
C THR C 54 -2.91 9.26 -5.32
N GLY C 55 -2.73 10.59 -5.38
CA GLY C 55 -2.13 11.39 -4.33
C GLY C 55 -3.11 12.42 -3.80
N ARG C 56 -3.15 12.60 -2.47
CA ARG C 56 -4.03 13.57 -1.79
C ARG C 56 -3.19 14.39 -0.80
N ARG C 57 -3.35 15.74 -0.80
CA ARG C 57 -2.69 16.62 0.15
C ARG C 57 -3.54 16.60 1.44
N ILE C 58 -2.94 16.26 2.61
CA ILE C 58 -3.67 16.21 3.88
C ILE C 58 -3.00 17.05 4.95
N HIS C 59 -3.78 17.40 5.98
CA HIS C 59 -3.33 18.20 7.10
C HIS C 59 -2.99 17.29 8.28
N SER C 60 -1.72 17.25 8.66
CA SER C 60 -1.24 16.49 9.82
C SER C 60 -0.35 17.43 10.67
N TYR C 61 0.45 16.89 11.59
CA TYR C 61 1.31 17.68 12.47
C TYR C 61 2.64 16.99 12.67
N ARG C 62 3.70 17.77 12.94
CA ARG C 62 5.04 17.24 13.21
C ARG C 62 5.00 16.19 14.35
N GLY C 63 5.77 15.12 14.19
CA GLY C 63 5.82 14.06 15.17
C GLY C 63 4.58 13.17 15.27
N HIS C 64 3.59 13.32 14.33
CA HIS C 64 2.41 12.45 14.35
C HIS C 64 2.76 11.12 13.69
N LEU C 65 2.17 10.01 14.14
CA LEU C 65 2.52 8.67 13.66
C LEU C 65 1.42 8.06 12.81
N TRP C 66 1.82 7.54 11.62
CA TRP C 66 0.93 6.89 10.68
C TRP C 66 1.46 5.55 10.18
N LEU C 67 0.54 4.63 9.87
CA LEU C 67 0.80 3.38 9.17
C LEU C 67 -0.33 3.23 8.16
N PHE C 68 -0.14 2.38 7.15
CA PHE C 68 -1.06 2.24 6.03
C PHE C 68 -1.33 0.78 5.76
N ARG C 69 -2.57 0.45 5.44
CA ARG C 69 -3.05 -0.92 5.25
C ARG C 69 -3.95 -1.05 4.04
N ASP C 70 -4.26 -2.31 3.65
CA ASP C 70 -5.26 -2.56 2.62
C ASP C 70 -6.59 -2.33 3.34
N ALA C 71 -7.46 -1.43 2.84
CA ALA C 71 -8.72 -1.12 3.53
C ALA C 71 -9.70 -2.31 3.67
N GLY C 72 -9.57 -3.31 2.79
CA GLY C 72 -10.42 -4.49 2.85
C GLY C 72 -9.91 -5.61 3.74
N THR C 73 -8.63 -5.95 3.61
CA THR C 73 -8.02 -7.08 4.32
C THR C 73 -7.11 -6.73 5.49
N HIS C 74 -6.66 -5.46 5.60
CA HIS C 74 -5.69 -4.99 6.60
C HIS C 74 -4.28 -5.53 6.38
N ASP C 75 -3.96 -6.00 5.16
CA ASP C 75 -2.60 -6.42 4.82
C ASP C 75 -1.72 -5.18 5.01
N GLY C 76 -0.54 -5.38 5.59
CA GLY C 76 0.38 -4.30 5.84
C GLY C 76 0.98 -3.79 4.54
N LEU C 77 1.16 -2.46 4.44
CA LEU C 77 1.76 -1.81 3.28
C LEU C 77 2.99 -1.02 3.74
N LEU C 78 3.85 -0.65 2.81
CA LEU C 78 5.04 0.15 3.11
C LEU C 78 4.83 1.64 2.81
N VAL C 79 5.45 2.51 3.59
CA VAL C 79 5.41 3.97 3.40
C VAL C 79 6.86 4.48 3.46
N ASN C 80 7.37 5.05 2.36
CA ASN C 80 8.78 5.47 2.23
C ASN C 80 9.71 4.31 2.59
N GLN C 81 9.40 3.12 2.05
CA GLN C 81 10.19 1.90 2.21
C GLN C 81 10.17 1.30 3.63
N THR C 82 9.25 1.71 4.50
CA THR C 82 9.21 1.19 5.87
C THR C 82 7.76 1.09 6.38
N GLU C 83 7.56 0.78 7.68
CA GLU C 83 6.24 0.55 8.27
C GLU C 83 5.56 1.77 8.88
N LEU C 84 6.32 2.71 9.48
CA LEU C 84 5.75 3.90 10.10
C LEU C 84 6.19 5.15 9.41
N PHE C 85 5.30 6.17 9.36
CA PHE C 85 5.60 7.46 8.76
C PHE C 85 5.39 8.56 9.79
N VAL C 86 6.33 9.51 9.83
CA VAL C 86 6.30 10.66 10.73
C VAL C 86 6.49 11.95 9.91
N PRO C 87 5.48 12.85 9.81
CA PRO C 87 5.70 14.09 9.07
C PRO C 87 6.78 14.98 9.71
N SER C 88 7.64 15.57 8.87
CA SER C 88 8.73 16.44 9.30
C SER C 88 8.34 17.92 9.12
N LEU C 89 9.30 18.86 9.12
CA LEU C 89 9.02 20.29 8.96
C LEU C 89 8.87 20.66 7.47
N ASN C 90 7.86 21.48 7.13
CA ASN C 90 7.64 21.95 5.75
C ASN C 90 8.72 22.99 5.40
N VAL C 91 9.78 22.56 4.70
CA VAL C 91 10.93 23.40 4.35
C VAL C 91 10.59 24.40 3.23
N ASP C 92 10.08 25.59 3.61
CA ASP C 92 9.72 26.70 2.72
C ASP C 92 8.73 26.27 1.60
N GLY C 93 7.45 26.18 1.95
CA GLY C 93 6.37 25.81 1.03
C GLY C 93 6.60 24.51 0.29
N GLN C 94 6.95 23.44 1.03
CA GLN C 94 7.25 22.12 0.46
C GLN C 94 6.49 21.00 1.19
N PRO C 95 5.41 20.41 0.60
CA PRO C 95 4.73 19.31 1.30
C PRO C 95 5.59 18.03 1.34
N ILE C 96 5.54 17.32 2.47
CA ILE C 96 6.27 16.08 2.68
C ILE C 96 5.54 14.99 1.93
N PHE C 97 6.27 13.99 1.42
CA PHE C 97 5.65 12.90 0.69
C PHE C 97 5.68 11.60 1.47
N ALA C 98 4.50 10.98 1.64
CA ALA C 98 4.34 9.65 2.25
C ALA C 98 4.03 8.74 1.03
N ASN C 99 5.06 8.06 0.51
CA ASN C 99 4.97 7.18 -0.68
C ASN C 99 4.52 5.80 -0.28
N ILE C 100 3.23 5.49 -0.45
CA ILE C 100 2.66 4.21 -0.03
C ILE C 100 2.82 3.21 -1.16
N THR C 101 3.44 2.06 -0.86
CA THR C 101 3.74 1.04 -1.86
C THR C 101 3.41 -0.35 -1.37
N LEU C 102 3.35 -1.28 -2.33
CA LEU C 102 3.07 -2.69 -2.06
C LEU C 102 4.39 -3.33 -1.55
N PRO C 103 4.46 -4.03 -0.40
CA PRO C 103 5.72 -4.74 -0.07
C PRO C 103 5.89 -5.96 -1.00
N VAL C 104 7.07 -6.58 -0.99
CA VAL C 104 7.28 -7.84 -1.67
C VAL C 104 6.93 -8.84 -0.58
N TYR C 105 5.71 -9.41 -0.63
CA TYR C 105 5.28 -10.36 0.40
C TYR C 105 5.94 -11.70 0.17
N THR C 106 5.95 -12.58 1.18
CA THR C 106 6.47 -13.92 0.95
C THR C 106 5.45 -14.65 0.10
N LEU C 107 5.89 -15.67 -0.65
CA LEU C 107 4.99 -16.48 -1.44
C LEU C 107 3.94 -17.08 -0.52
N LYS C 108 4.33 -17.49 0.70
CA LYS C 108 3.38 -18.04 1.67
C LYS C 108 2.35 -16.98 2.09
N GLU C 109 2.78 -15.76 2.47
CA GLU C 109 1.83 -14.70 2.87
C GLU C 109 0.93 -14.29 1.69
N ARG C 110 1.49 -14.21 0.50
CA ARG C 110 0.69 -13.85 -0.66
C ARG C 110 -0.38 -14.93 -0.94
N CYS C 111 -0.03 -16.23 -0.75
CA CYS C 111 -0.95 -17.35 -0.93
C CYS C 111 -2.05 -17.31 0.13
N LEU C 112 -1.67 -17.03 1.40
CA LEU C 112 -2.65 -16.92 2.49
C LEU C 112 -3.64 -15.81 2.14
N GLN C 113 -3.16 -14.65 1.62
CA GLN C 113 -4.04 -13.54 1.18
C GLN C 113 -5.05 -13.98 0.14
N VAL C 114 -4.58 -14.72 -0.87
CA VAL C 114 -5.45 -15.16 -1.97
C VAL C 114 -6.48 -16.19 -1.49
N VAL C 115 -6.08 -17.17 -0.67
CA VAL C 115 -7.01 -18.18 -0.14
C VAL C 115 -8.06 -17.50 0.80
N ARG C 116 -7.64 -16.53 1.65
CA ARG C 116 -8.56 -15.76 2.52
C ARG C 116 -9.62 -15.00 1.72
N SER C 117 -9.23 -14.43 0.58
CA SER C 117 -10.15 -13.69 -0.29
C SER C 117 -11.18 -14.61 -0.99
N LEU C 118 -10.86 -15.90 -1.15
CA LEU C 118 -11.68 -16.88 -1.83
C LEU C 118 -12.55 -17.73 -0.88
N VAL C 119 -12.11 -17.95 0.38
CA VAL C 119 -12.79 -18.83 1.32
C VAL C 119 -13.28 -18.05 2.56
N LYS C 120 -14.52 -18.34 3.03
CA LYS C 120 -15.08 -17.72 4.24
C LYS C 120 -14.31 -18.29 5.45
N PRO C 121 -14.07 -17.52 6.53
CA PRO C 121 -13.28 -18.10 7.66
C PRO C 121 -13.88 -19.33 8.31
N GLU C 122 -15.22 -19.49 8.27
CA GLU C 122 -15.90 -20.68 8.80
C GLU C 122 -15.57 -21.98 8.00
N ASN C 123 -15.17 -21.84 6.71
CA ASN C 123 -14.81 -22.96 5.82
C ASN C 123 -13.31 -23.26 5.72
N TYR C 124 -12.41 -22.46 6.35
CA TYR C 124 -10.96 -22.74 6.28
C TYR C 124 -10.64 -24.20 6.66
N ARG C 125 -11.28 -24.71 7.73
CA ARG C 125 -11.08 -26.10 8.21
C ARG C 125 -11.51 -27.21 7.22
N ARG C 126 -12.38 -26.89 6.23
CA ARG C 126 -12.82 -27.87 5.22
C ARG C 126 -11.83 -28.04 4.06
N LEU C 127 -10.76 -27.21 3.97
CA LEU C 127 -9.78 -27.30 2.89
C LEU C 127 -8.82 -28.46 3.12
N ASP C 128 -8.47 -29.20 2.04
CA ASP C 128 -7.53 -30.31 2.18
C ASP C 128 -6.08 -29.79 2.13
N ILE C 129 -5.59 -29.37 3.30
CA ILE C 129 -4.24 -28.81 3.55
C ILE C 129 -3.77 -29.30 4.93
N VAL C 130 -2.48 -29.10 5.28
CA VAL C 130 -1.96 -29.53 6.59
C VAL C 130 -2.53 -28.68 7.73
N ARG C 131 -2.57 -29.26 8.94
CA ARG C 131 -3.15 -28.65 10.16
C ARG C 131 -2.61 -27.24 10.48
N SER C 132 -1.31 -27.03 10.32
CA SER C 132 -0.65 -25.76 10.63
C SER C 132 -1.06 -24.60 9.71
N LEU C 133 -1.47 -24.90 8.45
CA LEU C 133 -1.91 -23.88 7.50
C LEU C 133 -3.28 -23.33 7.86
N TYR C 134 -4.13 -24.11 8.56
CA TYR C 134 -5.44 -23.61 9.01
C TYR C 134 -5.24 -22.45 10.00
N GLU C 135 -4.26 -22.62 10.92
CA GLU C 135 -3.89 -21.63 11.93
C GLU C 135 -3.30 -20.40 11.26
N ASP C 136 -2.51 -20.61 10.19
CA ASP C 136 -1.93 -19.51 9.39
C ASP C 136 -3.01 -18.72 8.69
N LEU C 137 -4.02 -19.38 8.10
CA LEU C 137 -5.13 -18.65 7.45
C LEU C 137 -5.91 -17.81 8.48
N GLU C 138 -6.15 -18.39 9.67
CA GLU C 138 -6.88 -17.72 10.76
C GLU C 138 -6.12 -16.59 11.43
N ASP C 139 -4.79 -16.52 11.27
CA ASP C 139 -3.97 -15.46 11.85
C ASP C 139 -4.01 -14.28 10.85
N HIS C 140 -5.16 -13.61 10.81
CA HIS C 140 -5.42 -12.51 9.89
C HIS C 140 -4.53 -11.30 10.15
N PRO C 141 -4.15 -10.53 9.08
CA PRO C 141 -3.41 -9.27 9.30
C PRO C 141 -4.18 -8.34 10.24
N ASN C 142 -3.51 -7.90 11.31
CA ASN C 142 -4.08 -7.13 12.40
C ASN C 142 -3.15 -5.97 12.74
N VAL C 143 -3.65 -4.73 12.77
CA VAL C 143 -2.87 -3.55 13.12
C VAL C 143 -2.29 -3.66 14.56
N GLN C 144 -3.07 -4.15 15.55
CA GLN C 144 -2.61 -4.21 16.95
C GLN C 144 -1.43 -5.15 17.16
N LYS C 145 -1.53 -6.37 16.60
CA LYS C 145 -0.45 -7.36 16.66
C LYS C 145 0.80 -6.78 15.96
N ASP C 146 0.64 -6.05 14.83
CA ASP C 146 1.80 -5.44 14.17
C ASP C 146 2.41 -4.34 15.04
N LEU C 147 1.58 -3.56 15.77
CA LEU C 147 2.08 -2.55 16.73
C LEU C 147 2.79 -3.22 17.91
N GLU C 148 2.30 -4.41 18.36
CA GLU C 148 2.97 -5.15 19.44
C GLU C 148 4.36 -5.58 18.97
N ARG C 149 4.50 -6.07 17.72
CA ARG C 149 5.80 -6.46 17.17
C ARG C 149 6.74 -5.27 17.01
N LEU C 150 6.27 -4.16 16.39
CA LEU C 150 7.07 -2.94 16.20
C LEU C 150 7.54 -2.39 17.56
N THR C 151 6.69 -2.44 18.61
CA THR C 151 7.08 -2.02 19.96
C THR C 151 8.25 -2.93 20.47
N GLN C 152 8.16 -4.25 20.24
CA GLN C 152 9.22 -5.18 20.65
C GLN C 152 10.51 -4.91 19.85
N GLU C 153 10.40 -4.60 18.53
CA GLU C 153 11.57 -4.30 17.71
C GLU C 153 12.29 -3.04 18.19
N ARG C 154 11.53 -2.01 18.60
CA ARG C 154 12.12 -0.77 19.11
C ARG C 154 12.83 -1.04 20.43
N ILE C 155 12.19 -1.81 21.34
CA ILE C 155 12.79 -2.19 22.63
C ILE C 155 14.14 -2.92 22.40
N ALA C 156 14.20 -3.83 21.39
CA ALA C 156 15.43 -4.55 21.03
C ALA C 156 16.46 -3.60 20.41
N HIS C 157 16.07 -2.89 19.31
CA HIS C 157 16.93 -1.94 18.59
C HIS C 157 17.76 -1.07 19.52
N GLN C 158 17.12 -0.53 20.56
CA GLN C 158 17.77 0.35 21.52
C GLN C 158 18.37 -0.45 22.70
N ARG C 159 19.18 -1.47 22.38
CA ARG C 159 19.87 -2.32 23.37
C ARG C 159 20.99 -3.13 22.70
N LEU D 6 -35.37 30.49 28.60
CA LEU D 6 -36.53 29.94 27.86
C LEU D 6 -37.47 31.03 27.30
N SER D 7 -37.72 32.12 28.08
CA SER D 7 -38.61 33.23 27.68
C SER D 7 -38.21 33.79 26.30
N PRO D 8 -39.05 33.63 25.23
CA PRO D 8 -38.63 34.06 23.89
C PRO D 8 -38.23 35.54 23.75
N ASN D 9 -37.16 35.79 22.97
CA ASN D 9 -36.63 37.14 22.72
C ASN D 9 -37.49 37.87 21.68
N PRO D 10 -37.47 39.22 21.65
CA PRO D 10 -38.19 39.94 20.58
C PRO D 10 -37.61 39.58 19.21
N PRO D 11 -38.42 39.22 18.18
CA PRO D 11 -37.84 38.82 16.87
C PRO D 11 -36.76 39.74 16.28
N LYS D 12 -36.84 41.07 16.54
CA LYS D 12 -35.87 42.04 16.05
C LYS D 12 -34.47 41.79 16.63
N LEU D 13 -34.38 41.39 17.91
CA LEU D 13 -33.09 41.08 18.56
C LEU D 13 -32.49 39.79 17.98
N THR D 14 -33.30 38.76 17.75
CA THR D 14 -32.83 37.48 17.18
C THR D 14 -32.35 37.69 15.73
N LYS D 15 -33.14 38.46 14.93
CA LYS D 15 -32.83 38.82 13.54
C LYS D 15 -31.43 39.48 13.49
N GLN D 16 -31.18 40.43 14.41
CA GLN D 16 -29.90 41.14 14.52
C GLN D 16 -28.75 40.17 14.90
N MET D 17 -28.97 39.34 15.95
CA MET D 17 -27.99 38.35 16.42
C MET D 17 -27.58 37.37 15.28
N ASN D 18 -28.55 36.85 14.51
CA ASN D 18 -28.23 35.96 13.39
C ASN D 18 -27.50 36.68 12.24
N ALA D 19 -27.88 37.93 11.95
CA ALA D 19 -27.23 38.69 10.87
C ALA D 19 -25.76 38.96 11.22
N ILE D 20 -25.46 39.30 12.50
CA ILE D 20 -24.10 39.56 12.99
C ILE D 20 -23.24 38.29 12.90
N ILE D 21 -23.74 37.17 13.43
CA ILE D 21 -23.00 35.90 13.42
C ILE D 21 -22.88 35.32 12.00
N ASP D 22 -23.89 35.55 11.13
CA ASP D 22 -23.80 35.08 9.73
C ASP D 22 -22.70 35.84 9.01
N THR D 23 -22.56 37.15 9.27
CA THR D 23 -21.50 37.97 8.68
C THR D 23 -20.14 37.42 9.13
N VAL D 24 -20.01 37.11 10.43
CA VAL D 24 -18.78 36.54 11.00
C VAL D 24 -18.46 35.16 10.38
N ILE D 25 -19.45 34.25 10.34
CA ILE D 25 -19.24 32.89 9.81
C ILE D 25 -18.95 32.87 8.29
N ASN D 26 -19.68 33.65 7.50
CA ASN D 26 -19.50 33.71 6.04
C ASN D 26 -18.28 34.50 5.59
N TYR D 27 -17.78 35.43 6.44
CA TYR D 27 -16.62 36.27 6.11
C TYR D 27 -15.50 35.49 5.43
N LYS D 28 -15.02 35.99 4.28
CA LYS D 28 -13.91 35.39 3.54
C LYS D 28 -12.82 36.43 3.36
N ASP D 29 -11.55 35.99 3.26
CA ASP D 29 -10.44 36.94 3.06
C ASP D 29 -10.31 37.23 1.55
N SER D 30 -9.26 37.99 1.13
CA SER D 30 -9.04 38.33 -0.30
C SER D 30 -8.77 37.06 -1.16
N SER D 31 -8.19 36.00 -0.56
CA SER D 31 -7.91 34.73 -1.23
C SER D 31 -9.12 33.77 -1.28
N GLY D 32 -10.30 34.23 -0.84
CA GLY D 32 -11.51 33.41 -0.80
C GLY D 32 -11.66 32.47 0.40
N ARG D 33 -10.64 32.39 1.29
CA ARG D 33 -10.69 31.49 2.45
C ARG D 33 -11.66 31.95 3.56
N GLN D 34 -12.60 31.06 3.97
CA GLN D 34 -13.56 31.32 5.06
C GLN D 34 -12.83 31.13 6.43
N LEU D 35 -12.55 32.24 7.13
CA LEU D 35 -11.76 32.23 8.38
C LEU D 35 -12.44 31.54 9.57
N SER D 36 -13.79 31.51 9.62
CA SER D 36 -14.52 30.84 10.71
C SER D 36 -14.46 29.32 10.69
N GLU D 37 -14.13 28.69 9.54
CA GLU D 37 -14.09 27.23 9.34
C GLU D 37 -13.61 26.38 10.55
N VAL D 38 -12.35 26.62 11.02
CA VAL D 38 -11.75 25.89 12.17
C VAL D 38 -12.53 26.13 13.49
N PHE D 39 -13.14 27.33 13.65
CA PHE D 39 -13.90 27.77 14.82
C PHE D 39 -15.33 27.25 14.91
N ILE D 40 -15.87 26.62 13.84
CA ILE D 40 -17.26 26.14 13.86
C ILE D 40 -17.49 25.05 14.93
N GLN D 41 -16.57 24.09 15.05
CA GLN D 41 -16.73 23.01 16.02
C GLN D 41 -15.46 22.80 16.80
N LEU D 42 -15.58 22.75 18.13
CA LEU D 42 -14.45 22.47 19.00
C LEU D 42 -14.06 21.01 18.79
N PRO D 43 -12.78 20.65 18.91
CA PRO D 43 -12.42 19.22 18.84
C PRO D 43 -12.92 18.55 20.13
N SER D 44 -13.38 17.28 20.09
CA SER D 44 -13.90 16.63 21.30
C SER D 44 -12.86 16.47 22.40
N ARG D 45 -13.31 16.47 23.65
CA ARG D 45 -12.40 16.28 24.78
C ARG D 45 -11.70 14.89 24.74
N LYS D 46 -12.30 13.88 24.04
CA LYS D 46 -11.68 12.55 23.86
C LYS D 46 -10.46 12.67 22.94
N GLU D 47 -10.59 13.43 21.82
CA GLU D 47 -9.50 13.58 20.85
C GLU D 47 -8.45 14.67 21.22
N LEU D 48 -8.83 15.74 21.99
CA LEU D 48 -7.86 16.78 22.40
C LEU D 48 -8.14 17.27 23.85
N PRO D 49 -7.87 16.41 24.86
CA PRO D 49 -8.17 16.81 26.26
C PRO D 49 -7.41 18.01 26.85
N GLU D 50 -6.20 18.31 26.35
CA GLU D 50 -5.40 19.44 26.85
C GLU D 50 -6.07 20.81 26.61
N TYR D 51 -6.92 20.92 25.57
CA TYR D 51 -7.67 22.16 25.29
C TYR D 51 -8.62 22.43 26.45
N TYR D 52 -9.29 21.39 26.95
CA TYR D 52 -10.25 21.50 28.04
C TYR D 52 -9.55 21.66 29.41
N GLU D 53 -8.25 21.31 29.51
CA GLU D 53 -7.47 21.49 30.74
C GLU D 53 -7.05 22.96 30.90
N LEU D 54 -6.66 23.64 29.80
CA LEU D 54 -6.25 25.05 29.82
C LEU D 54 -7.40 26.05 29.63
N ILE D 55 -8.46 25.69 28.88
CA ILE D 55 -9.58 26.61 28.58
C ILE D 55 -10.73 26.31 29.52
N ARG D 56 -10.98 27.23 30.48
CA ARG D 56 -12.00 27.08 31.53
C ARG D 56 -13.44 27.03 31.00
N LYS D 57 -13.78 27.89 30.02
CA LYS D 57 -15.13 27.96 29.45
C LYS D 57 -15.05 27.86 27.92
N PRO D 58 -14.99 26.63 27.37
CA PRO D 58 -14.85 26.50 25.91
C PRO D 58 -16.14 26.86 25.17
N VAL D 59 -15.97 27.43 23.97
CA VAL D 59 -17.08 27.81 23.11
C VAL D 59 -16.64 27.76 21.62
N ASP D 60 -17.56 27.36 20.75
CA ASP D 60 -17.35 27.32 19.29
C ASP D 60 -18.53 28.02 18.64
N PHE D 61 -18.51 28.26 17.32
CA PHE D 61 -19.62 28.95 16.68
C PHE D 61 -20.89 28.11 16.65
N LYS D 62 -20.78 26.77 16.58
CA LYS D 62 -21.95 25.89 16.60
C LYS D 62 -22.74 26.12 17.91
N LYS D 63 -22.03 26.28 19.04
CA LYS D 63 -22.64 26.57 20.33
C LYS D 63 -23.27 27.97 20.36
N ILE D 64 -22.63 28.98 19.74
CA ILE D 64 -23.15 30.36 19.72
C ILE D 64 -24.47 30.42 18.89
N LYS D 65 -24.51 29.78 17.70
CA LYS D 65 -25.74 29.72 16.88
C LYS D 65 -26.85 29.08 17.72
N GLU D 66 -26.49 27.96 18.38
CA GLU D 66 -27.36 27.20 19.30
C GLU D 66 -27.88 28.09 20.45
N ARG D 67 -27.06 29.02 20.96
CA ARG D 67 -27.48 29.96 22.03
C ARG D 67 -28.38 31.11 21.53
N ILE D 68 -28.29 31.50 20.23
CA ILE D 68 -29.17 32.52 19.65
C ILE D 68 -30.56 31.88 19.46
N ARG D 69 -30.61 30.72 18.78
CA ARG D 69 -31.84 29.97 18.48
C ARG D 69 -32.67 29.65 19.72
N ASN D 70 -32.00 29.31 20.86
CA ASN D 70 -32.68 28.95 22.12
C ASN D 70 -32.80 30.12 23.11
N HIS D 71 -32.66 31.38 22.63
CA HIS D 71 -32.84 32.62 23.38
C HIS D 71 -32.03 32.70 24.69
N LYS D 72 -30.80 32.12 24.70
CA LYS D 72 -29.90 32.20 25.85
C LYS D 72 -29.36 33.61 26.00
N TYR D 73 -29.00 34.29 24.88
CA TYR D 73 -28.49 35.67 24.91
C TYR D 73 -29.67 36.63 25.01
N ARG D 74 -29.67 37.52 26.01
CA ARG D 74 -30.76 38.48 26.24
C ARG D 74 -30.51 39.84 25.58
N SER D 75 -29.29 40.12 25.13
CA SER D 75 -28.96 41.37 24.45
C SER D 75 -27.79 41.14 23.47
N LEU D 76 -27.46 42.17 22.67
CA LEU D 76 -26.34 42.08 21.73
C LEU D 76 -25.01 42.04 22.52
N GLY D 77 -24.99 42.61 23.73
CA GLY D 77 -23.84 42.58 24.61
C GLY D 77 -23.51 41.17 25.07
N ASP D 78 -24.54 40.32 25.29
CA ASP D 78 -24.37 38.91 25.70
C ASP D 78 -23.82 38.08 24.53
N LEU D 79 -24.25 38.39 23.29
CA LEU D 79 -23.72 37.73 22.10
C LEU D 79 -22.23 38.13 21.97
N GLU D 80 -21.92 39.43 22.06
CA GLU D 80 -20.55 39.94 21.97
C GLU D 80 -19.64 39.32 23.03
N LYS D 81 -20.15 39.15 24.26
CA LYS D 81 -19.40 38.52 25.36
C LYS D 81 -18.90 37.13 24.96
N ASP D 82 -19.78 36.32 24.33
CA ASP D 82 -19.41 34.96 23.93
C ASP D 82 -18.49 34.92 22.71
N VAL D 83 -18.65 35.83 21.74
CA VAL D 83 -17.77 35.91 20.57
C VAL D 83 -16.38 36.38 21.02
N MET D 84 -16.32 37.34 21.96
CA MET D 84 -15.02 37.79 22.47
C MET D 84 -14.35 36.68 23.31
N LEU D 85 -15.16 35.84 24.00
CA LEU D 85 -14.64 34.69 24.77
C LEU D 85 -14.02 33.67 23.79
N LEU D 86 -14.75 33.31 22.69
CA LEU D 86 -14.27 32.40 21.64
C LEU D 86 -12.92 32.89 21.12
N CYS D 87 -12.84 34.16 20.72
CA CYS D 87 -11.58 34.73 20.23
C CYS D 87 -10.48 34.80 21.30
N HIS D 88 -10.84 35.13 22.54
CA HIS D 88 -9.90 35.16 23.66
C HIS D 88 -9.35 33.73 23.92
N ASN D 89 -10.20 32.70 23.86
CA ASN D 89 -9.79 31.31 24.03
C ASN D 89 -8.85 30.85 22.92
N ALA D 90 -9.10 31.28 21.68
CA ALA D 90 -8.27 31.00 20.51
C ALA D 90 -6.89 31.58 20.71
N GLN D 91 -6.83 32.78 21.28
CA GLN D 91 -5.57 33.47 21.54
C GLN D 91 -4.85 32.94 22.79
N THR D 92 -5.57 32.24 23.68
CA THR D 92 -4.98 31.65 24.88
C THR D 92 -4.32 30.31 24.52
N PHE D 93 -5.09 29.40 23.88
CA PHE D 93 -4.60 28.08 23.53
C PHE D 93 -3.48 28.11 22.49
N ASN D 94 -3.63 28.93 21.44
CA ASN D 94 -2.69 29.01 20.34
C ASN D 94 -1.73 30.19 20.48
N LEU D 95 -0.56 30.08 19.84
CA LEU D 95 0.49 31.09 19.94
C LEU D 95 0.36 32.22 18.94
N GLU D 96 0.93 33.38 19.32
CA GLU D 96 0.94 34.57 18.49
C GLU D 96 1.71 34.26 17.19
N GLY D 97 1.15 34.67 16.05
CA GLY D 97 1.73 34.44 14.74
C GLY D 97 1.13 33.25 14.00
N SER D 98 0.48 32.31 14.73
CA SER D 98 -0.16 31.15 14.08
C SER D 98 -1.35 31.66 13.27
N GLN D 99 -1.72 30.96 12.19
CA GLN D 99 -2.82 31.41 11.34
C GLN D 99 -4.13 31.54 12.14
N ILE D 100 -4.45 30.50 12.94
CA ILE D 100 -5.64 30.47 13.80
C ILE D 100 -5.67 31.67 14.77
N TYR D 101 -4.52 32.01 15.37
CA TYR D 101 -4.43 33.18 16.28
C TYR D 101 -4.73 34.48 15.52
N GLU D 102 -4.19 34.63 14.30
CA GLU D 102 -4.43 35.82 13.47
C GLU D 102 -5.87 35.85 12.87
N ASP D 103 -6.46 34.67 12.61
CA ASP D 103 -7.84 34.54 12.10
C ASP D 103 -8.84 34.99 13.14
N SER D 104 -8.60 34.64 14.42
CA SER D 104 -9.49 35.02 15.55
C SER D 104 -9.55 36.54 15.73
N ILE D 105 -8.42 37.26 15.57
CA ILE D 105 -8.37 38.72 15.69
C ILE D 105 -9.23 39.34 14.59
N VAL D 106 -9.11 38.86 13.32
CA VAL D 106 -9.88 39.41 12.19
C VAL D 106 -11.38 39.19 12.39
N LEU D 107 -11.79 37.96 12.79
CA LEU D 107 -13.21 37.65 13.06
C LEU D 107 -13.78 38.54 14.17
N GLN D 108 -12.95 38.87 15.15
CA GLN D 108 -13.26 39.75 16.28
C GLN D 108 -13.58 41.16 15.75
N SER D 109 -12.74 41.65 14.85
CA SER D 109 -12.89 42.96 14.21
C SER D 109 -14.14 42.94 13.25
N VAL D 110 -14.38 41.82 12.55
CA VAL D 110 -15.55 41.62 11.68
C VAL D 110 -16.82 41.63 12.56
N PHE D 111 -16.80 40.97 13.73
CA PHE D 111 -17.95 41.01 14.64
C PHE D 111 -18.27 42.46 15.02
N LYS D 112 -17.24 43.23 15.41
CA LYS D 112 -17.37 44.61 15.86
C LYS D 112 -17.87 45.56 14.77
N SER D 113 -17.44 45.37 13.51
CA SER D 113 -17.94 46.21 12.41
C SER D 113 -19.38 45.78 12.10
N ALA D 114 -19.65 44.46 12.07
CA ALA D 114 -21.00 43.92 11.84
C ALA D 114 -21.99 44.40 12.91
N ARG D 115 -21.55 44.50 14.19
CA ARG D 115 -22.40 44.98 15.28
C ARG D 115 -22.62 46.49 15.16
N GLN D 116 -21.57 47.26 14.81
CA GLN D 116 -21.68 48.72 14.61
C GLN D 116 -22.64 49.06 13.43
N LYS D 117 -22.69 48.18 12.39
CA LYS D 117 -23.62 48.34 11.26
C LYS D 117 -25.07 48.25 11.76
N ILE D 118 -25.36 47.28 12.65
CA ILE D 118 -26.69 47.11 13.25
C ILE D 118 -27.05 48.31 14.16
N ALA D 119 -26.06 48.91 14.85
CA ALA D 119 -26.28 50.08 15.71
C ALA D 119 -26.59 51.37 14.92
N LYS D 120 -26.29 51.42 13.59
CA LYS D 120 -26.52 52.57 12.71
C LYS D 120 -25.80 53.83 13.19
#